data_1T55
#
_entry.id   1T55
#
_entity_poly.entity_id   1
_entity_poly.type   'polypeptide(L)'
_entity_poly.pdbx_seq_one_letter_code
;ILGKIWKPIKKLF(NH2)
;
_entity_poly.pdbx_strand_id   A
#
loop_
_chem_comp.id
_chem_comp.type
_chem_comp.name
_chem_comp.formula
NH2 non-polymer 'AMINO GROUP' 'H2 N'
#
# COMPACT_ATOMS: atom_id res chain seq x y z
N ILE A 1 2.44 12.26 -0.85
CA ILE A 1 1.63 11.10 -0.36
C ILE A 1 1.15 10.26 -1.56
N LEU A 2 1.79 9.15 -1.79
CA LEU A 2 1.38 8.28 -2.94
C LEU A 2 0.80 6.96 -2.42
N GLY A 3 1.62 5.97 -2.23
CA GLY A 3 1.13 4.66 -1.72
C GLY A 3 0.43 3.91 -2.86
N LYS A 4 0.82 4.17 -4.08
CA LYS A 4 0.18 3.46 -5.23
C LYS A 4 0.22 1.95 -5.01
N ILE A 5 1.14 1.48 -4.21
CA ILE A 5 1.24 0.01 -3.96
C ILE A 5 1.37 -0.26 -2.46
N TRP A 6 1.14 0.73 -1.64
CA TRP A 6 1.25 0.53 -0.17
C TRP A 6 -0.14 0.58 0.47
N LYS A 7 -1.07 1.24 -0.16
CA LYS A 7 -2.44 1.34 0.43
C LYS A 7 -3.04 -0.06 0.61
N PRO A 8 -2.75 -0.91 -0.34
CA PRO A 8 -3.29 -2.29 -0.26
C PRO A 8 -2.23 -3.24 0.29
N ILE A 9 -1.02 -3.14 -0.18
CA ILE A 9 0.06 -4.03 0.30
C ILE A 9 0.16 -3.96 1.83
N LYS A 10 0.07 -2.78 2.38
CA LYS A 10 0.16 -2.64 3.86
C LYS A 10 -0.97 -3.43 4.53
N LYS A 11 -2.04 -3.68 3.84
CA LYS A 11 -3.16 -4.45 4.42
C LYS A 11 -2.87 -5.94 4.37
N LEU A 12 -2.34 -6.41 3.28
CA LEU A 12 -2.02 -7.88 3.17
C LEU A 12 -0.82 -8.21 4.06
N PHE A 13 -0.07 -7.23 4.45
CA PHE A 13 1.12 -7.51 5.32
C PHE A 13 0.89 -6.96 6.72
N NH2 A 14 1.75 -7.21 7.67
HN1 NH2 A 14 2.55 -7.75 7.46
HN2 NH2 A 14 1.62 -6.86 8.57
N ILE A 1 -7.34 -8.64 5.55
CA ILE A 1 -5.97 -8.68 4.94
C ILE A 1 -5.43 -7.26 4.76
N LEU A 2 -4.26 -6.99 5.25
CA LEU A 2 -3.68 -5.62 5.11
C LEU A 2 -3.42 -5.31 3.63
N GLY A 3 -2.78 -4.21 3.35
CA GLY A 3 -2.49 -3.84 1.93
C GLY A 3 -1.00 -3.60 1.75
N LYS A 4 -0.18 -4.46 2.29
CA LYS A 4 1.30 -4.28 2.16
C LYS A 4 1.66 -3.99 0.70
N ILE A 5 0.83 -4.38 -0.21
CA ILE A 5 1.13 -4.15 -1.65
C ILE A 5 0.30 -2.97 -2.18
N TRP A 6 -0.33 -2.24 -1.31
CA TRP A 6 -1.16 -1.09 -1.76
C TRP A 6 -1.04 0.07 -0.76
N LYS A 7 -1.16 -0.23 0.50
CA LYS A 7 -1.05 0.85 1.53
C LYS A 7 0.23 1.65 1.34
N PRO A 8 1.33 0.93 1.33
CA PRO A 8 2.63 1.61 1.15
C PRO A 8 2.78 2.12 -0.29
N ILE A 9 2.35 1.35 -1.25
CA ILE A 9 2.45 1.78 -2.66
C ILE A 9 1.66 3.07 -2.88
N LYS A 10 0.50 3.18 -2.28
CA LYS A 10 -0.31 4.42 -2.45
C LYS A 10 0.42 5.62 -1.85
N LYS A 11 1.03 5.44 -0.71
CA LYS A 11 1.76 6.57 -0.07
C LYS A 11 2.91 7.04 -0.97
N LEU A 12 3.80 6.16 -1.32
CA LEU A 12 4.94 6.55 -2.20
C LEU A 12 4.86 5.81 -3.54
N PHE A 13 4.37 6.46 -4.56
CA PHE A 13 4.27 5.78 -5.88
C PHE A 13 5.66 5.38 -6.39
N NH2 A 14 5.85 4.15 -6.79
HN1 NH2 A 14 5.11 3.50 -6.77
HN2 NH2 A 14 6.73 3.87 -7.11
N ILE A 1 1.31 8.11 -5.83
CA ILE A 1 0.69 8.42 -4.52
C ILE A 1 1.54 7.85 -3.38
N LEU A 2 2.82 7.70 -3.61
CA LEU A 2 3.71 7.13 -2.54
C LEU A 2 3.23 5.74 -2.13
N GLY A 3 4.14 4.89 -1.73
CA GLY A 3 3.74 3.51 -1.33
C GLY A 3 2.71 2.96 -2.32
N LYS A 4 2.78 3.37 -3.56
CA LYS A 4 1.81 2.88 -4.57
C LYS A 4 1.82 1.34 -4.61
N ILE A 5 2.85 0.73 -4.08
CA ILE A 5 2.92 -0.76 -4.08
C ILE A 5 3.17 -1.28 -2.66
N TRP A 6 2.99 -0.45 -1.67
CA TRP A 6 3.22 -0.90 -0.27
C TRP A 6 2.20 -0.25 0.67
N LYS A 7 1.87 0.98 0.43
CA LYS A 7 0.87 1.67 1.30
C LYS A 7 -0.46 0.90 1.29
N PRO A 8 -0.82 0.42 0.13
CA PRO A 8 -2.09 -0.35 0.05
C PRO A 8 -1.86 -1.81 0.39
N ILE A 9 -0.85 -2.41 -0.19
CA ILE A 9 -0.56 -3.85 0.11
C ILE A 9 -0.49 -4.07 1.62
N LYS A 10 -0.19 -3.05 2.37
CA LYS A 10 -0.10 -3.20 3.85
C LYS A 10 -1.51 -3.20 4.45
N LYS A 11 -2.43 -2.51 3.84
CA LYS A 11 -3.82 -2.47 4.37
C LYS A 11 -4.62 -3.67 3.87
N LEU A 12 -4.40 -4.07 2.65
CA LEU A 12 -5.15 -5.24 2.11
C LEU A 12 -4.71 -6.53 2.81
N PHE A 13 -3.54 -6.53 3.38
CA PHE A 13 -3.06 -7.76 4.08
C PHE A 13 -3.47 -7.73 5.55
N NH2 A 14 -2.70 -8.28 6.45
HN1 NH2 A 14 -1.87 -8.71 6.18
HN2 NH2 A 14 -2.97 -8.27 7.39
N ILE A 1 -0.20 8.65 -0.25
CA ILE A 1 0.06 9.61 -1.37
C ILE A 1 0.89 8.92 -2.46
N LEU A 2 2.02 8.38 -2.10
CA LEU A 2 2.87 7.70 -3.13
C LEU A 2 2.53 6.21 -3.20
N GLY A 3 2.34 5.69 -4.38
CA GLY A 3 2.01 4.25 -4.53
C GLY A 3 0.61 3.99 -3.93
N LYS A 4 -0.41 4.18 -4.71
CA LYS A 4 -1.80 3.94 -4.19
C LYS A 4 -2.16 2.46 -4.33
N ILE A 5 -1.18 1.63 -4.60
CA ILE A 5 -1.47 0.17 -4.75
C ILE A 5 -0.64 -0.64 -3.75
N TRP A 6 0.44 -0.07 -3.28
CA TRP A 6 1.29 -0.81 -2.30
C TRP A 6 1.06 -0.27 -0.88
N LYS A 7 0.32 0.80 -0.75
CA LYS A 7 0.06 1.38 0.59
C LYS A 7 -0.84 0.43 1.40
N PRO A 8 -1.83 -0.09 0.74
CA PRO A 8 -2.76 -1.02 1.44
C PRO A 8 -2.32 -2.47 1.22
N ILE A 9 -1.81 -2.78 0.07
CA ILE A 9 -1.36 -4.18 -0.20
C ILE A 9 -0.30 -4.61 0.81
N LYS A 10 0.69 -3.78 1.03
CA LYS A 10 1.76 -4.13 2.01
C LYS A 10 1.20 -4.11 3.43
N LYS A 11 0.23 -3.29 3.68
CA LYS A 11 -0.36 -3.23 5.06
C LYS A 11 -0.92 -4.59 5.45
N LEU A 12 -1.68 -5.20 4.58
CA LEU A 12 -2.26 -6.54 4.91
C LEU A 12 -2.83 -7.20 3.65
N PHE A 13 -1.98 -7.51 2.71
CA PHE A 13 -2.48 -8.15 1.44
C PHE A 13 -3.30 -9.40 1.76
N NH2 A 14 -4.57 -9.26 2.08
HN1 NH2 A 14 -4.97 -8.37 2.12
HN2 NH2 A 14 -5.11 -10.05 2.27
N ILE A 1 5.98 8.05 -6.28
CA ILE A 1 5.90 6.60 -5.89
C ILE A 1 4.96 6.43 -4.70
N LEU A 2 3.80 7.03 -4.74
CA LEU A 2 2.84 6.91 -3.61
C LEU A 2 2.04 5.61 -3.75
N GLY A 3 0.79 5.63 -3.37
CA GLY A 3 -0.05 4.40 -3.48
C GLY A 3 -1.03 4.33 -2.31
N LYS A 4 -2.18 4.92 -2.47
CA LYS A 4 -3.20 4.89 -1.37
C LYS A 4 -3.58 3.44 -1.04
N ILE A 5 -3.40 2.55 -1.97
CA ILE A 5 -3.76 1.12 -1.71
C ILE A 5 -2.65 0.19 -2.21
N TRP A 6 -1.43 0.65 -2.17
CA TRP A 6 -0.31 -0.21 -2.65
C TRP A 6 0.79 -0.29 -1.58
N LYS A 7 1.07 0.81 -0.94
CA LYS A 7 2.12 0.81 0.13
C LYS A 7 1.58 0.15 1.40
N PRO A 8 0.31 0.33 1.62
CA PRO A 8 -0.30 -0.26 2.83
C PRO A 8 -0.98 -1.60 2.49
N ILE A 9 -1.35 -1.79 1.25
CA ILE A 9 -2.01 -3.07 0.86
C ILE A 9 -1.30 -4.25 1.52
N LYS A 10 0.00 -4.25 1.51
CA LYS A 10 0.75 -5.39 2.14
C LYS A 10 1.14 -5.04 3.57
N LYS A 11 1.43 -3.79 3.84
CA LYS A 11 1.82 -3.38 5.21
C LYS A 11 0.61 -3.45 6.14
N LEU A 12 -0.53 -3.04 5.67
CA LEU A 12 -1.76 -3.09 6.53
C LEU A 12 -2.62 -4.30 6.16
N PHE A 13 -2.13 -5.15 5.30
CA PHE A 13 -2.92 -6.34 4.90
C PHE A 13 -1.99 -7.44 4.37
N NH2 A 14 -1.68 -8.44 5.15
HN1 NH2 A 14 -2.04 -8.50 6.06
HN2 NH2 A 14 -1.09 -9.16 4.82
N ILE A 1 -7.52 -3.99 3.73
CA ILE A 1 -6.35 -3.25 3.16
C ILE A 1 -5.72 -4.05 2.02
N LEU A 2 -6.17 -3.84 0.81
CA LEU A 2 -5.59 -4.60 -0.33
C LEU A 2 -4.08 -4.35 -0.43
N GLY A 3 -3.35 -5.27 -1.01
CA GLY A 3 -1.88 -5.10 -1.13
C GLY A 3 -1.29 -4.77 0.25
N LYS A 4 -0.92 -5.77 0.99
CA LYS A 4 -0.34 -5.52 2.34
C LYS A 4 1.09 -5.01 2.22
N ILE A 5 1.61 -4.95 1.01
CA ILE A 5 3.01 -4.46 0.82
C ILE A 5 3.08 -3.50 -0.36
N TRP A 6 1.95 -3.16 -0.94
CA TRP A 6 1.95 -2.24 -2.10
C TRP A 6 1.00 -1.07 -1.84
N LYS A 7 -0.17 -1.35 -1.32
CA LYS A 7 -1.14 -0.26 -1.04
C LYS A 7 -0.51 0.80 -0.13
N PRO A 8 0.18 0.34 0.88
CA PRO A 8 0.82 1.32 1.80
C PRO A 8 2.09 1.89 1.17
N ILE A 9 2.85 1.08 0.49
CA ILE A 9 4.09 1.59 -0.15
C ILE A 9 3.75 2.57 -1.28
N LYS A 10 2.52 2.58 -1.70
CA LYS A 10 2.12 3.50 -2.81
C LYS A 10 1.80 4.89 -2.25
N LYS A 11 1.41 4.96 -1.01
CA LYS A 11 1.08 6.28 -0.39
C LYS A 11 2.19 6.70 0.57
N LEU A 12 2.88 5.76 1.14
CA LEU A 12 3.98 6.11 2.10
C LEU A 12 5.29 6.32 1.33
N PHE A 13 5.32 5.97 0.07
CA PHE A 13 6.57 6.14 -0.72
C PHE A 13 7.21 7.49 -0.41
N NH2 A 14 8.50 7.64 -0.55
HN1 NH2 A 14 9.05 6.88 -0.85
HN2 NH2 A 14 8.93 8.50 -0.34
N ILE A 1 -1.62 8.58 -2.70
C ILE A 1 0.65 8.88 -3.65
N LEU A 2 1.08 8.21 -2.62
CA LEU A 2 2.47 7.64 -2.62
C LEU A 2 2.43 6.16 -2.22
N GLY A 3 3.18 5.34 -2.91
CA GLY A 3 3.19 3.89 -2.57
C GLY A 3 2.02 3.18 -3.26
N LYS A 4 2.18 2.88 -4.51
CA LYS A 4 1.08 2.19 -5.25
C LYS A 4 0.97 0.73 -4.81
N ILE A 5 1.92 0.26 -4.05
CA ILE A 5 1.86 -1.16 -3.59
C ILE A 5 2.05 -1.22 -2.07
N TRP A 6 2.30 -0.10 -1.45
CA TRP A 6 2.48 -0.09 0.04
C TRP A 6 1.16 0.22 0.73
N LYS A 7 0.23 0.82 0.02
CA LYS A 7 -1.09 1.15 0.63
C LYS A 7 -1.92 -0.12 0.83
N PRO A 8 -1.85 -1.00 -0.14
CA PRO A 8 -2.63 -2.26 -0.01
C PRO A 8 -1.82 -3.32 0.74
N ILE A 9 -0.55 -3.41 0.48
CA ILE A 9 0.29 -4.42 1.18
C ILE A 9 0.09 -4.30 2.70
N LYS A 10 -0.16 -3.12 3.18
CA LYS A 10 -0.37 -2.95 4.65
C LYS A 10 -1.86 -3.01 4.98
N LYS A 11 -2.70 -2.67 4.03
CA LYS A 11 -4.17 -2.71 4.28
C LYS A 11 -4.69 -4.14 4.16
N LEU A 12 -3.85 -5.05 3.74
CA LEU A 12 -4.30 -6.47 3.60
C LEU A 12 -3.11 -7.38 3.30
N PHE A 13 -2.00 -7.14 3.95
CA PHE A 13 -0.80 -8.00 3.71
C PHE A 13 0.35 -7.55 4.62
N NH2 A 14 0.10 -7.17 5.83
HN1 NH2 A 14 -0.82 -7.17 6.17
HN2 NH2 A 14 0.83 -6.89 6.42
N ILE A 1 5.97 9.25 -5.58
CA ILE A 1 4.56 9.25 -5.07
C ILE A 1 4.48 8.50 -3.73
N LEU A 2 3.67 8.97 -2.82
CA LEU A 2 3.55 8.28 -1.50
C LEU A 2 3.50 6.76 -1.71
N GLY A 3 2.32 6.22 -1.88
CA GLY A 3 2.20 4.75 -2.08
C GLY A 3 0.74 4.32 -1.94
N LYS A 4 -0.07 4.62 -2.91
CA LYS A 4 -1.51 4.23 -2.84
C LYS A 4 -1.69 2.76 -3.22
N ILE A 5 -0.61 2.08 -3.51
CA ILE A 5 -0.72 0.65 -3.88
C ILE A 5 0.17 -0.20 -2.97
N TRP A 6 1.03 0.41 -2.21
CA TRP A 6 1.92 -0.36 -1.31
C TRP A 6 1.41 -0.27 0.13
N LYS A 7 0.83 0.83 0.49
CA LYS A 7 0.30 0.99 1.88
C LYS A 7 -0.77 -0.06 2.16
N PRO A 8 -1.76 -0.10 1.30
CA PRO A 8 -2.85 -1.10 1.51
C PRO A 8 -2.31 -2.52 1.30
N ILE A 9 -1.33 -2.68 0.45
CA ILE A 9 -0.77 -4.04 0.20
C ILE A 9 -0.20 -4.59 1.51
N LYS A 10 0.18 -3.75 2.42
CA LYS A 10 0.72 -4.23 3.72
C LYS A 10 -0.43 -4.60 4.66
N LYS A 11 -1.59 -4.06 4.42
CA LYS A 11 -2.76 -4.38 5.29
C LYS A 11 -3.16 -5.85 5.13
N LEU A 12 -3.31 -6.29 3.91
CA LEU A 12 -3.70 -7.72 3.69
C LEU A 12 -2.50 -8.64 3.94
N PHE A 13 -1.33 -8.08 4.09
CA PHE A 13 -0.13 -8.92 4.34
C PHE A 13 0.48 -8.57 5.71
N NH2 A 14 -0.30 -8.15 6.66
HN1 NH2 A 14 -1.25 -8.05 6.50
HN2 NH2 A 14 0.08 -7.92 7.53
N ILE A 1 3.79 10.75 -0.71
CA ILE A 1 4.31 9.42 -0.26
C ILE A 1 4.04 8.36 -1.33
N LEU A 2 3.09 8.60 -2.20
CA LEU A 2 2.79 7.59 -3.25
C LEU A 2 2.43 6.25 -2.61
N GLY A 3 1.83 5.36 -3.36
CA GLY A 3 1.46 4.04 -2.79
C GLY A 3 0.57 3.30 -3.79
N LYS A 4 0.84 3.44 -5.06
CA LYS A 4 0.01 2.75 -6.09
C LYS A 4 -0.14 1.26 -5.74
N ILE A 5 0.74 0.73 -4.93
CA ILE A 5 0.64 -0.71 -4.57
C ILE A 5 1.09 -0.91 -3.11
N TRP A 6 1.22 0.16 -2.37
CA TRP A 6 1.65 0.02 -0.95
C TRP A 6 0.46 0.24 -0.01
N LYS A 7 -0.38 1.20 -0.33
CA LYS A 7 -1.56 1.46 0.54
C LYS A 7 -2.34 0.16 0.80
N PRO A 8 -2.70 -0.50 -0.28
CA PRO A 8 -3.46 -1.76 -0.11
C PRO A 8 -2.57 -2.83 0.51
N ILE A 9 -1.36 -2.94 0.06
CA ILE A 9 -0.44 -3.98 0.64
C ILE A 9 -0.44 -3.88 2.17
N LYS A 10 -0.74 -2.72 2.70
CA LYS A 10 -0.76 -2.58 4.18
C LYS A 10 -2.18 -2.82 4.71
N LYS A 11 -3.17 -2.64 3.89
CA LYS A 11 -4.58 -2.86 4.35
C LYS A 11 -4.81 -4.34 4.63
N LEU A 12 -3.97 -5.19 4.13
CA LEU A 12 -4.14 -6.65 4.37
C LEU A 12 -2.85 -7.25 4.94
N PHE A 13 -1.96 -6.42 5.42
CA PHE A 13 -0.69 -6.95 5.99
C PHE A 13 -0.31 -6.15 7.24
N NH2 A 14 -0.31 -4.85 7.20
HN1 NH2 A 14 -0.57 -4.39 6.37
HN2 NH2 A 14 -0.08 -4.33 8.00
N ILE A 1 -3.09 -8.91 6.60
CA ILE A 1 -3.82 -9.06 5.31
C ILE A 1 -4.58 -7.78 4.98
N LEU A 2 -3.92 -6.81 4.38
CA LEU A 2 -4.62 -5.55 4.04
C LEU A 2 -4.07 -4.98 2.72
N GLY A 3 -2.80 -5.11 2.50
CA GLY A 3 -2.21 -4.58 1.24
C GLY A 3 -0.68 -4.57 1.35
N LYS A 4 -0.03 -5.63 0.96
CA LYS A 4 1.45 -5.67 1.05
C LYS A 4 2.07 -4.84 -0.09
N ILE A 5 1.26 -4.40 -1.01
CA ILE A 5 1.80 -3.59 -2.15
C ILE A 5 0.82 -2.48 -2.50
N TRP A 6 -0.15 -2.22 -1.66
CA TRP A 6 -1.14 -1.15 -1.95
C TRP A 6 -1.14 -0.12 -0.83
N LYS A 7 -0.78 -0.52 0.36
CA LYS A 7 -0.76 0.45 1.50
C LYS A 7 0.29 1.53 1.26
N PRO A 8 1.43 1.11 0.78
CA PRO A 8 2.51 2.10 0.52
C PRO A 8 2.32 2.74 -0.87
N ILE A 9 1.89 1.97 -1.83
CA ILE A 9 1.68 2.54 -3.19
C ILE A 9 0.84 3.82 -3.10
N LYS A 10 -0.23 3.78 -2.36
CA LYS A 10 -1.08 5.00 -2.23
C LYS A 10 -0.31 6.11 -1.50
N LYS A 11 0.73 5.75 -0.82
CA LYS A 11 1.53 6.79 -0.08
C LYS A 11 2.50 7.47 -1.03
N LEU A 12 3.43 6.73 -1.59
CA LEU A 12 4.41 7.35 -2.53
C LEU A 12 3.67 8.10 -3.64
N PHE A 13 2.44 7.76 -3.88
CA PHE A 13 1.66 8.45 -4.95
C PHE A 13 0.25 8.78 -4.45
N NH2 A 14 0.11 9.49 -3.36
HN1 NH2 A 14 0.90 9.81 -2.88
HN2 NH2 A 14 -0.80 9.71 -3.04
N ILE A 1 1.39 8.08 -1.76
CA ILE A 1 2.66 8.52 -2.41
C ILE A 1 3.51 7.30 -2.79
N LEU A 2 4.31 7.42 -3.81
CA LEU A 2 5.17 6.27 -4.22
C LEU A 2 4.30 5.07 -4.60
N GLY A 3 3.91 4.29 -3.64
CA GLY A 3 3.05 3.10 -3.94
C GLY A 3 1.63 3.37 -3.48
N LYS A 4 0.97 4.30 -4.11
CA LYS A 4 -0.44 4.62 -3.72
C LYS A 4 -1.25 3.33 -3.55
N ILE A 5 -0.83 2.27 -4.21
CA ILE A 5 -1.58 0.98 -4.09
C ILE A 5 -0.83 0.02 -3.17
N TRP A 6 0.31 0.42 -2.67
CA TRP A 6 1.08 -0.47 -1.76
C TRP A 6 0.80 -0.11 -0.31
N LYS A 7 0.58 1.13 -0.03
CA LYS A 7 0.31 1.55 1.38
C LYS A 7 -0.88 0.76 1.93
N PRO A 8 -1.83 0.49 1.08
CA PRO A 8 -3.01 -0.28 1.53
C PRO A 8 -2.80 -1.77 1.28
N ILE A 9 -2.17 -2.12 0.18
CA ILE A 9 -1.92 -3.56 -0.12
C ILE A 9 -0.91 -4.13 0.87
N LYS A 10 -0.06 -3.29 1.42
CA LYS A 10 0.96 -3.80 2.38
C LYS A 10 0.29 -4.13 3.72
N LYS A 11 -0.78 -3.45 4.05
CA LYS A 11 -1.48 -3.72 5.33
C LYS A 11 -2.58 -4.77 5.12
N LEU A 12 -3.28 -4.69 4.02
CA LEU A 12 -4.37 -5.67 3.76
C LEU A 12 -3.81 -7.10 3.80
N PHE A 13 -2.53 -7.26 3.54
CA PHE A 13 -1.92 -8.62 3.56
C PHE A 13 -2.18 -9.29 4.91
N NH2 A 14 -3.28 -9.96 5.10
HN1 NH2 A 14 -3.93 -10.04 4.37
HN2 NH2 A 14 -3.44 -10.40 5.96
N ILE A 1 1.46 9.70 -4.02
CA ILE A 1 2.83 10.00 -3.51
C ILE A 1 3.25 8.96 -2.47
N LEU A 2 2.46 8.78 -1.44
CA LEU A 2 2.81 7.78 -0.40
C LEU A 2 3.35 6.50 -1.05
N GLY A 3 2.49 5.57 -1.34
CA GLY A 3 2.94 4.30 -1.98
C GLY A 3 1.75 3.59 -2.62
N LYS A 4 1.47 3.85 -3.86
CA LYS A 4 0.33 3.16 -4.53
C LYS A 4 0.75 1.76 -4.96
N ILE A 5 1.36 1.02 -4.08
CA ILE A 5 1.80 -0.36 -4.44
C ILE A 5 1.86 -1.24 -3.19
N TRP A 6 2.26 -0.69 -2.07
CA TRP A 6 2.34 -1.52 -0.83
C TRP A 6 1.98 -0.68 0.41
N LYS A 7 2.37 0.56 0.42
CA LYS A 7 2.06 1.41 1.61
C LYS A 7 0.62 1.18 2.08
N PRO A 8 -0.23 0.77 1.15
CA PRO A 8 -1.64 0.51 1.53
C PRO A 8 -1.97 -0.98 1.35
N ILE A 9 -1.79 -1.49 0.16
CA ILE A 9 -2.10 -2.92 -0.10
C ILE A 9 -1.57 -3.80 1.05
N LYS A 10 -0.55 -3.34 1.73
CA LYS A 10 0.01 -4.14 2.85
C LYS A 10 -1.05 -4.35 3.94
N LYS A 11 -1.84 -3.34 4.20
CA LYS A 11 -2.90 -3.48 5.24
C LYS A 11 -4.07 -4.31 4.72
N LEU A 12 -4.52 -4.04 3.53
CA LEU A 12 -5.67 -4.80 2.96
C LEU A 12 -5.19 -6.17 2.46
N PHE A 13 -3.92 -6.30 2.18
CA PHE A 13 -3.41 -7.61 1.68
C PHE A 13 -2.48 -8.25 2.72
N NH2 A 14 -2.96 -8.60 3.88
HN1 NH2 A 14 -3.91 -8.45 4.08
HN2 NH2 A 14 -2.39 -9.00 4.56
N ILE A 1 -4.27 -10.07 5.77
CA ILE A 1 -3.43 -9.72 4.59
C ILE A 1 -3.29 -8.21 4.47
N LEU A 2 -4.19 -7.46 5.06
CA LEU A 2 -4.09 -5.99 4.98
C LEU A 2 -4.13 -5.53 3.51
N GLY A 3 -3.00 -5.51 2.87
CA GLY A 3 -2.96 -5.09 1.44
C GLY A 3 -1.54 -4.68 1.06
N LYS A 4 -0.86 -5.51 0.33
CA LYS A 4 0.55 -5.18 -0.08
C LYS A 4 0.54 -4.29 -1.32
N ILE A 5 -0.62 -3.79 -1.70
CA ILE A 5 -0.69 -2.91 -2.90
C ILE A 5 -1.32 -1.57 -2.54
N TRP A 6 -1.99 -1.50 -1.42
CA TRP A 6 -2.63 -0.22 -1.01
C TRP A 6 -1.78 0.48 0.05
N LYS A 7 -0.99 -0.28 0.76
CA LYS A 7 -0.12 0.34 1.80
C LYS A 7 1.12 0.98 1.17
N PRO A 8 1.56 0.39 0.08
CA PRO A 8 2.76 0.96 -0.59
C PRO A 8 2.34 1.98 -1.65
N ILE A 9 1.24 1.76 -2.31
CA ILE A 9 0.78 2.72 -3.35
C ILE A 9 0.63 4.12 -2.72
N LYS A 10 -0.19 4.24 -1.71
CA LYS A 10 -0.38 5.57 -1.07
C LYS A 10 0.97 6.12 -0.60
N LYS A 11 1.91 5.25 -0.32
CA LYS A 11 3.24 5.72 0.14
C LYS A 11 4.01 6.37 -1.01
N LEU A 12 4.04 5.74 -2.15
CA LEU A 12 4.76 6.32 -3.31
C LEU A 12 3.80 7.17 -4.15
N PHE A 13 2.63 7.45 -3.64
CA PHE A 13 1.66 8.27 -4.42
C PHE A 13 1.98 9.75 -4.27
N NH2 A 14 2.34 10.21 -3.10
HN1 NH2 A 14 2.40 9.61 -2.33
HN2 NH2 A 14 2.55 11.16 -2.99
N ILE A 1 -1.07 -8.01 7.33
CA ILE A 1 -1.18 -7.77 5.87
C ILE A 1 -1.96 -6.48 5.59
N LEU A 2 -3.20 -6.42 6.00
CA LEU A 2 -4.00 -5.18 5.76
C LEU A 2 -3.90 -4.77 4.30
N GLY A 3 -2.94 -3.95 3.96
CA GLY A 3 -2.80 -3.51 2.55
C GLY A 3 -1.41 -3.89 2.03
N LYS A 4 -1.18 -5.15 1.80
CA LYS A 4 0.14 -5.59 1.30
C LYS A 4 0.42 -4.96 -0.07
N ILE A 5 -0.58 -4.38 -0.68
CA ILE A 5 -0.38 -3.76 -2.02
C ILE A 5 -1.24 -2.50 -2.13
N TRP A 6 -1.33 -1.73 -1.08
CA TRP A 6 -2.15 -0.49 -1.13
C TRP A 6 -1.54 0.59 -0.23
N LYS A 7 -1.02 0.20 0.90
CA LYS A 7 -0.40 1.19 1.83
C LYS A 7 0.80 1.86 1.17
N PRO A 8 1.66 1.04 0.60
CA PRO A 8 2.86 1.62 -0.07
C PRO A 8 2.48 2.22 -1.42
N ILE A 9 1.56 1.60 -2.12
CA ILE A 9 1.14 2.14 -3.45
C ILE A 9 0.45 3.49 -3.28
N LYS A 10 -0.02 3.78 -2.09
CA LYS A 10 -0.70 5.08 -1.86
C LYS A 10 0.33 6.16 -1.53
N LYS A 11 1.42 5.78 -0.91
CA LYS A 11 2.46 6.78 -0.55
C LYS A 11 3.18 7.26 -1.82
N LEU A 12 3.79 6.36 -2.54
CA LEU A 12 4.52 6.76 -3.77
C LEU A 12 3.57 7.48 -4.73
N PHE A 13 2.54 6.81 -5.16
CA PHE A 13 1.57 7.46 -6.09
C PHE A 13 0.61 8.36 -5.32
N NH2 A 14 -0.60 8.55 -5.78
HN1 NH2 A 14 -0.88 8.12 -6.60
HN2 NH2 A 14 -1.22 9.13 -5.30
N ILE A 1 3.75 9.74 1.28
CA ILE A 1 3.02 9.20 0.10
C ILE A 1 3.96 8.36 -0.78
N LEU A 2 4.21 7.15 -0.39
CA LEU A 2 5.12 6.28 -1.20
C LEU A 2 4.45 4.95 -1.53
N GLY A 3 4.40 4.60 -2.78
CA GLY A 3 3.75 3.30 -3.17
C GLY A 3 2.24 3.52 -3.31
N LYS A 4 1.79 3.87 -4.48
CA LYS A 4 0.33 4.09 -4.68
C LYS A 4 -0.45 2.80 -4.38
N ILE A 5 0.24 1.70 -4.28
CA ILE A 5 -0.45 0.41 -3.99
C ILE A 5 0.32 -0.37 -2.92
N TRP A 6 1.38 0.19 -2.40
CA TRP A 6 2.16 -0.52 -1.35
C TRP A 6 1.64 -0.16 0.04
N LYS A 7 1.10 1.01 0.19
CA LYS A 7 0.57 1.42 1.53
C LYS A 7 -0.66 0.58 1.88
N PRO A 8 -1.47 0.29 0.89
CA PRO A 8 -2.67 -0.52 1.18
C PRO A 8 -2.32 -2.01 1.16
N ILE A 9 -1.56 -2.44 0.20
CA ILE A 9 -1.18 -3.88 0.13
C ILE A 9 -0.62 -4.35 1.47
N LYS A 10 -0.15 -3.43 2.28
CA LYS A 10 0.41 -3.82 3.60
C LYS A 10 -0.73 -4.11 4.59
N LYS A 11 -1.81 -3.40 4.48
CA LYS A 11 -2.95 -3.63 5.41
C LYS A 11 -3.84 -4.77 4.89
N LEU A 12 -4.28 -4.69 3.67
CA LEU A 12 -5.14 -5.77 3.11
C LEU A 12 -4.48 -7.13 3.30
N PHE A 13 -3.19 -7.19 3.13
CA PHE A 13 -2.49 -8.50 3.31
C PHE A 13 -1.70 -8.49 4.62
N NH2 A 14 -1.20 -9.62 5.06
HN1 NH2 A 14 -1.33 -10.45 4.56
HN2 NH2 A 14 -0.69 -9.63 5.91
N ILE A 1 3.69 8.61 2.53
CA ILE A 1 3.77 9.51 1.34
C ILE A 1 3.59 8.70 0.05
N LEU A 2 2.61 9.04 -0.75
CA LEU A 2 2.39 8.28 -2.01
C LEU A 2 2.31 6.78 -1.74
N GLY A 3 2.42 5.97 -2.75
CA GLY A 3 2.36 4.50 -2.53
C GLY A 3 1.08 3.94 -3.18
N LYS A 4 1.11 3.70 -4.46
CA LYS A 4 -0.10 3.16 -5.15
C LYS A 4 -0.15 1.64 -5.01
N ILE A 5 0.95 1.03 -4.68
CA ILE A 5 0.98 -0.46 -4.52
C ILE A 5 1.51 -0.83 -3.14
N TRP A 6 1.98 0.12 -2.39
CA TRP A 6 2.52 -0.19 -1.03
C TRP A 6 1.48 0.18 0.03
N LYS A 7 0.64 1.13 -0.25
CA LYS A 7 -0.40 1.53 0.74
C LYS A 7 -1.52 0.49 0.80
N PRO A 8 -1.80 -0.10 -0.34
CA PRO A 8 -2.87 -1.13 -0.36
C PRO A 8 -2.30 -2.51 -0.01
N ILE A 9 -1.11 -2.80 -0.46
CA ILE A 9 -0.49 -4.12 -0.15
C ILE A 9 -0.42 -4.31 1.37
N LYS A 10 -0.14 -3.26 2.11
CA LYS A 10 -0.05 -3.40 3.58
C LYS A 10 -1.45 -3.61 4.17
N LYS A 11 -2.47 -3.25 3.44
CA LYS A 11 -3.86 -3.44 3.96
C LYS A 11 -4.20 -4.93 4.01
N LEU A 12 -4.07 -5.63 2.92
CA LEU A 12 -4.38 -7.09 2.92
C LEU A 12 -3.14 -7.90 3.29
N PHE A 13 -2.26 -7.33 4.07
CA PHE A 13 -1.03 -8.07 4.47
C PHE A 13 -1.13 -8.50 5.94
N NH2 A 14 -0.03 -8.69 6.63
HN1 NH2 A 14 0.84 -8.54 6.21
HN2 NH2 A 14 -0.09 -8.97 7.57
N ILE A 1 -4.59 -4.91 6.94
CA ILE A 1 -3.66 -3.86 7.44
C ILE A 1 -2.26 -4.06 6.85
N LEU A 2 -1.91 -5.29 6.54
CA LEU A 2 -0.57 -5.56 5.96
C LEU A 2 -0.36 -4.71 4.70
N GLY A 3 0.62 -5.05 3.90
CA GLY A 3 0.87 -4.27 2.66
C GLY A 3 -0.14 -4.66 1.59
N LYS A 4 -1.03 -5.56 1.90
CA LYS A 4 -2.04 -5.99 0.88
C LYS A 4 -2.65 -4.75 0.22
N ILE A 5 -2.63 -3.63 0.89
CA ILE A 5 -3.20 -2.39 0.29
C ILE A 5 -2.15 -1.28 0.27
N TRP A 6 -0.94 -1.58 0.67
CA TRP A 6 0.13 -0.54 0.67
C TRP A 6 0.82 -0.49 -0.69
N LYS A 7 0.80 -1.58 -1.42
CA LYS A 7 1.45 -1.60 -2.76
C LYS A 7 0.96 -0.43 -3.60
N PRO A 8 -0.28 -0.07 -3.40
CA PRO A 8 -0.85 1.06 -4.19
C PRO A 8 -0.83 2.35 -3.35
N ILE A 9 -1.42 2.31 -2.19
CA ILE A 9 -1.43 3.53 -1.33
C ILE A 9 -0.02 4.14 -1.23
N LYS A 10 0.93 3.37 -0.80
CA LYS A 10 2.32 3.90 -0.68
C LYS A 10 2.89 4.18 -2.08
N LYS A 11 2.52 3.39 -3.03
CA LYS A 11 3.03 3.61 -4.42
C LYS A 11 3.04 5.09 -4.77
N LEU A 12 1.91 5.74 -4.72
CA LEU A 12 1.86 7.19 -5.03
C LEU A 12 2.42 8.01 -3.87
N PHE A 13 2.57 7.40 -2.72
CA PHE A 13 3.11 8.15 -1.55
C PHE A 13 4.48 7.59 -1.15
N NH2 A 14 4.53 6.53 -0.38
HN1 NH2 A 14 3.71 6.11 -0.07
HN2 NH2 A 14 5.40 6.17 -0.12
N ILE A 1 2.22 -10.34 5.46
CA ILE A 1 1.32 -9.20 5.76
C ILE A 1 1.02 -8.42 4.47
N LEU A 2 -0.22 -8.09 4.23
CA LEU A 2 -0.57 -7.33 3.00
C LEU A 2 -0.83 -5.86 3.35
N GLY A 3 -0.76 -5.00 2.37
CA GLY A 3 -1.00 -3.55 2.64
C GLY A 3 -2.29 -3.10 1.94
N LYS A 4 -3.41 -3.56 2.40
CA LYS A 4 -4.71 -3.19 1.77
C LYS A 4 -4.75 -1.68 1.49
N ILE A 5 -4.16 -0.90 2.34
CA ILE A 5 -4.16 0.58 2.12
C ILE A 5 -2.74 1.14 2.20
N TRP A 6 -1.75 0.34 1.91
CA TRP A 6 -0.35 0.83 1.99
C TRP A 6 0.52 0.17 0.90
N LYS A 7 0.27 -1.07 0.62
CA LYS A 7 1.08 -1.78 -0.43
C LYS A 7 0.98 -1.02 -1.76
N PRO A 8 -0.19 -0.52 -2.05
CA PRO A 8 -0.37 0.23 -3.32
C PRO A 8 -0.07 1.72 -3.09
N ILE A 9 -0.65 2.30 -2.08
CA ILE A 9 -0.40 3.74 -1.80
C ILE A 9 1.11 4.00 -1.73
N LYS A 10 1.88 2.98 -1.50
CA LYS A 10 3.35 3.16 -1.43
C LYS A 10 3.91 3.56 -2.80
N LYS A 11 3.29 3.11 -3.85
CA LYS A 11 3.76 3.46 -5.21
C LYS A 11 3.24 4.85 -5.60
N LEU A 12 2.07 5.20 -5.15
CA LEU A 12 1.50 6.53 -5.49
C LEU A 12 2.42 7.66 -4.98
N PHE A 13 3.19 7.38 -3.96
CA PHE A 13 4.11 8.42 -3.42
C PHE A 13 5.13 8.83 -4.48
N NH2 A 14 5.77 9.96 -4.35
HN1 NH2 A 14 5.60 10.53 -3.57
HN2 NH2 A 14 6.43 10.23 -5.02
N ILE A 1 -5.14 -9.17 -0.19
CA ILE A 1 -3.70 -8.76 -0.23
C ILE A 1 -3.23 -8.38 1.17
N LEU A 2 -1.95 -8.13 1.33
CA LEU A 2 -1.43 -7.74 2.66
C LEU A 2 -1.03 -6.26 2.67
N GLY A 3 -0.36 -5.81 3.69
CA GLY A 3 0.05 -4.39 3.74
C GLY A 3 -1.16 -3.50 3.43
N LYS A 4 -2.03 -3.32 4.39
CA LYS A 4 -3.22 -2.47 4.16
C LYS A 4 -2.83 -0.98 4.12
N ILE A 5 -1.57 -0.69 4.30
CA ILE A 5 -1.13 0.73 4.28
C ILE A 5 0.28 0.84 3.68
N TRP A 6 0.68 -0.16 2.93
CA TRP A 6 2.04 -0.12 2.32
C TRP A 6 1.95 -0.41 0.81
N LYS A 7 0.95 -1.13 0.39
CA LYS A 7 0.82 -1.44 -1.07
C LYS A 7 0.20 -0.26 -1.82
N PRO A 8 -0.59 0.50 -1.12
CA PRO A 8 -1.24 1.67 -1.78
C PRO A 8 -0.50 2.96 -1.43
N ILE A 9 0.12 3.01 -0.28
CA ILE A 9 0.84 4.26 0.11
C ILE A 9 1.82 4.67 -1.01
N LYS A 10 2.85 3.91 -1.22
CA LYS A 10 3.84 4.27 -2.29
C LYS A 10 3.15 4.24 -3.67
N LYS A 11 2.09 3.50 -3.80
CA LYS A 11 1.39 3.44 -5.11
C LYS A 11 0.68 4.77 -5.40
N LEU A 12 -0.20 5.18 -4.54
CA LEU A 12 -0.93 6.46 -4.77
C LEU A 12 -0.01 7.65 -4.52
N PHE A 13 1.00 7.48 -3.72
CA PHE A 13 1.93 8.62 -3.44
C PHE A 13 3.19 8.50 -4.32
N NH2 A 14 3.34 9.32 -5.31
HN1 NH2 A 14 2.66 10.00 -5.50
HN2 NH2 A 14 4.14 9.27 -5.88
N ILE A 1 3.32 9.38 1.97
CA ILE A 1 2.37 10.15 1.11
C ILE A 1 1.83 9.26 -0.02
N LEU A 2 2.67 8.89 -0.95
CA LEU A 2 2.21 8.03 -2.07
C LEU A 2 2.23 6.55 -1.64
N GLY A 3 2.24 5.66 -2.59
CA GLY A 3 2.26 4.21 -2.25
C GLY A 3 1.69 3.40 -3.41
N LYS A 4 2.48 3.21 -4.44
CA LYS A 4 1.99 2.44 -5.61
C LYS A 4 2.01 0.94 -5.31
N ILE A 5 2.61 0.55 -4.22
CA ILE A 5 2.66 -0.90 -3.88
C ILE A 5 2.54 -1.09 -2.36
N TRP A 6 1.95 -0.14 -1.69
CA TRP A 6 1.79 -0.26 -0.21
C TRP A 6 0.39 0.18 0.21
N LYS A 7 -0.13 1.19 -0.43
CA LYS A 7 -1.49 1.68 -0.07
C LYS A 7 -2.47 0.51 0.02
N PRO A 8 -2.39 -0.35 -0.97
CA PRO A 8 -3.30 -1.52 -0.99
C PRO A 8 -2.63 -2.72 -0.30
N ILE A 9 -1.40 -2.99 -0.63
CA ILE A 9 -0.69 -4.14 0.02
C ILE A 9 -0.84 -4.06 1.54
N LYS A 10 -0.69 -2.90 2.10
CA LYS A 10 -0.82 -2.75 3.57
C LYS A 10 -2.23 -3.18 4.02
N LYS A 11 -3.15 -3.21 3.10
CA LYS A 11 -4.54 -3.61 3.45
C LYS A 11 -4.68 -5.14 3.39
N LEU A 12 -3.88 -5.78 2.59
CA LEU A 12 -3.96 -7.27 2.47
C LEU A 12 -3.33 -7.93 3.70
N PHE A 13 -2.47 -7.23 4.38
CA PHE A 13 -1.80 -7.82 5.59
C PHE A 13 -2.87 -8.23 6.61
N NH2 A 14 -2.49 -8.72 7.76
HN1 NH2 A 14 -1.53 -8.81 7.96
HN2 NH2 A 14 -3.16 -8.98 8.43
#